data_8P9T
#
_entry.id   8P9T
#
_cell.length_a   39.535
_cell.length_b   67.890
_cell.length_c   40.326
_cell.angle_alpha   90.000
_cell.angle_beta   93.450
_cell.angle_gamma   90.000
#
_symmetry.space_group_name_H-M   'P 1 21 1'
#
loop_
_entity.id
_entity.type
_entity.pdbx_description
1 polymer 'Beta-lactamase VIM-1'
2 non-polymer 'ZINC ION'
3 non-polymer '7-[(1~{S})-1-(4-azanylbutanoyloxy)ethyl]-3-[3-chloranyl-4-(methylsulfonylmethyl)phenyl]-1~{H}-indole-2-carboxylic acid'
4 water water
#
_entity_poly.entity_id   1
_entity_poly.type   'polypeptide(L)'
_entity_poly.pdbx_seq_one_letter_code
;MLKVISSLLVYMTASVMAVASPLAHSGEPSGEYPTVNEIPVGEVRLYQIADGVWSHIATQSFDGAVYPSNGLIVRDGDEL
LLIDTAWGAKNTAALLAEIEKQIGLPVTRAVSTHFHDDRVGGVDVLRAAGVATYASPSTRRLAEAEGNEIPTHSLEGLSS
SGDAVRFGPVELFYPGAAHSTDNLVVYVPSANVLYGGCAVHELSSTSAGNVADADLAEWPTSVERIQKHYPEAEVVIPGH
GLPGGLDLLQHTANVVKAHKNRSVAE
;
_entity_poly.pdbx_strand_id   A
#
loop_
_chem_comp.id
_chem_comp.type
_chem_comp.name
_chem_comp.formula
XCQ non-polymer '7-[(1~{S})-1-(4-azanylbutanoyloxy)ethyl]-3-[3-chloranyl-4-(methylsulfonylmethyl)phenyl]-1~{H}-indole-2-carboxylic acid' 'C23 H25 Cl N2 O6 S'
ZN non-polymer 'ZINC ION' 'Zn 2'
#
# COMPACT_ATOMS: atom_id res chain seq x y z
N GLY A 31 14.42 15.13 -7.25
CA GLY A 31 13.43 14.42 -8.06
C GLY A 31 13.58 12.95 -7.79
N GLU A 32 14.45 12.60 -6.86
CA GLU A 32 14.57 11.22 -6.42
C GLU A 32 13.43 10.87 -5.49
N TYR A 33 13.27 9.62 -5.23
CA TYR A 33 12.12 9.20 -4.46
C TYR A 33 12.33 9.67 -3.04
N PRO A 34 11.34 10.20 -2.40
CA PRO A 34 11.62 10.75 -1.09
C PRO A 34 11.66 9.76 0.04
N THR A 35 12.72 9.91 0.91
N THR A 35 11.92 10.43 1.15
CA THR A 35 13.04 8.99 2.02
CA THR A 35 12.17 9.82 2.41
C THR A 35 12.54 9.53 3.37
C THR A 35 11.70 10.78 3.49
N VAL A 36 12.55 8.63 4.40
N VAL A 36 11.77 10.26 4.70
CA VAL A 36 11.93 8.93 5.70
CA VAL A 36 11.50 11.01 5.92
C VAL A 36 12.41 10.25 6.28
C VAL A 36 12.24 12.33 5.94
N ASN A 37 13.72 10.55 6.19
N ASN A 37 13.39 12.42 5.28
CA ASN A 37 14.23 11.76 6.82
CA ASN A 37 14.21 13.61 5.44
C ASN A 37 13.91 13.03 6.04
C ASN A 37 13.78 14.71 4.50
N GLU A 38 13.35 12.91 4.85
N GLU A 38 12.91 14.40 3.54
CA GLU A 38 13.04 14.08 4.03
CA GLU A 38 12.51 15.34 2.51
C GLU A 38 11.59 14.52 4.16
C GLU A 38 11.05 15.75 2.60
N ILE A 39 10.77 13.75 4.88
N ILE A 39 10.29 15.18 3.52
CA ILE A 39 9.33 14.04 4.99
CA ILE A 39 8.88 15.49 3.71
C ILE A 39 8.98 14.21 6.45
C ILE A 39 8.81 16.28 5.01
N PRO A 40 8.69 15.42 6.93
N PRO A 40 8.41 17.51 5.01
CA PRO A 40 8.22 15.54 8.31
CA PRO A 40 8.41 18.24 6.30
C PRO A 40 6.88 14.85 8.48
C PRO A 40 7.58 17.49 7.37
N VAL A 41 6.65 14.31 9.69
N VAL A 41 7.00 18.18 8.36
CA VAL A 41 5.36 13.70 9.98
CA VAL A 41 6.26 17.50 9.43
C VAL A 41 4.28 14.74 9.81
C VAL A 41 4.75 17.44 9.12
N GLY A 42 3.28 14.43 9.01
N GLY A 42 4.19 16.24 9.10
CA GLY A 42 2.16 15.32 8.69
CA GLY A 42 2.76 16.07 8.85
C GLY A 42 2.15 15.87 7.29
C GLY A 42 2.43 16.29 7.40
N GLU A 43 3.27 15.76 6.58
N GLU A 43 3.33 15.91 6.51
CA GLU A 43 3.35 16.20 5.20
CA GLU A 43 3.27 16.30 5.12
C GLU A 43 3.27 15.02 4.26
C GLU A 43 3.17 15.05 4.29
N VAL A 44 2.79 15.25 3.03
CA VAL A 44 2.66 14.17 2.06
C VAL A 44 3.32 14.61 0.77
N ARG A 45 4.06 13.72 0.16
N ARG A 45 4.05 13.67 0.17
CA ARG A 45 4.59 13.98 -1.16
CA ARG A 45 4.71 13.77 -1.12
C ARG A 45 4.04 12.96 -2.14
C ARG A 45 3.99 12.90 -2.15
N LEU A 46 3.91 13.38 -3.38
CA LEU A 46 3.53 12.52 -4.50
C LEU A 46 4.72 12.30 -5.40
N TYR A 47 4.78 11.15 -6.05
CA TYR A 47 5.86 10.82 -6.99
C TYR A 47 5.24 10.19 -8.22
N GLN A 48 5.53 10.75 -9.37
CA GLN A 48 4.97 10.22 -10.60
C GLN A 48 5.69 8.93 -10.97
N ILE A 49 4.96 7.85 -11.08
CA ILE A 49 5.49 6.54 -11.40
C ILE A 49 5.43 6.26 -12.88
N ALA A 50 4.30 6.60 -13.51
CA ALA A 50 4.03 6.37 -14.91
C ALA A 50 2.90 7.30 -15.29
N ASP A 51 2.54 7.32 -16.57
CA ASP A 51 1.39 8.12 -16.95
CA ASP A 51 1.40 8.13 -16.95
C ASP A 51 0.16 7.69 -16.18
N GLY A 52 -0.47 8.64 -15.47
CA GLY A 52 -1.65 8.32 -14.71
C GLY A 52 -1.45 7.47 -13.49
N VAL A 53 -0.22 7.33 -12.98
CA VAL A 53 0.07 6.57 -11.80
C VAL A 53 1.06 7.34 -10.93
N TRP A 54 0.69 7.56 -9.67
CA TRP A 54 1.55 8.22 -8.69
C TRP A 54 1.65 7.29 -7.49
N SER A 55 2.76 7.40 -6.77
CA SER A 55 2.75 6.95 -5.38
C SER A 55 2.58 8.16 -4.49
N HIS A 56 2.07 7.91 -3.29
CA HIS A 56 2.05 8.88 -2.22
C HIS A 56 2.90 8.37 -1.07
N ILE A 57 3.63 9.29 -0.45
CA ILE A 57 4.59 9.00 0.61
C ILE A 57 4.32 9.92 1.79
N ALA A 58 4.26 9.33 2.97
CA ALA A 58 4.09 10.06 4.19
C ALA A 58 4.89 9.37 5.28
N THR A 59 4.99 10.04 6.43
CA THR A 59 5.80 9.64 7.58
CA THR A 59 5.73 9.49 7.55
C THR A 59 4.88 9.51 8.79
N GLN A 60 5.16 8.55 9.67
CA GLN A 60 4.39 8.45 10.92
C GLN A 60 5.26 7.90 12.01
N SER A 61 4.95 8.27 13.24
N SER A 61 4.98 8.28 13.24
CA SER A 61 5.57 7.76 14.43
CA SER A 61 5.68 7.68 14.36
C SER A 61 4.79 6.56 14.92
C SER A 61 4.83 6.59 15.00
N PHE A 62 5.50 5.51 15.36
CA PHE A 62 4.88 4.31 15.89
C PHE A 62 5.85 3.71 16.89
N ASP A 63 5.41 3.53 18.14
CA ASP A 63 6.25 2.99 19.18
C ASP A 63 7.58 3.74 19.27
N GLY A 64 7.54 5.04 19.09
CA GLY A 64 8.75 5.84 19.31
C GLY A 64 9.78 5.83 18.19
N ALA A 65 9.42 5.37 17.01
CA ALA A 65 10.28 5.50 15.85
C ALA A 65 9.44 6.04 14.69
N VAL A 66 10.12 6.61 13.72
CA VAL A 66 9.45 7.20 12.56
C VAL A 66 9.71 6.36 11.32
N TYR A 67 8.65 6.11 10.58
CA TYR A 67 8.69 5.27 9.42
C TYR A 67 8.04 5.97 8.23
N PRO A 68 8.55 5.77 7.00
CA PRO A 68 7.82 6.16 5.82
C PRO A 68 6.81 5.08 5.45
N SER A 69 5.90 5.44 4.52
N SER A 69 5.83 5.44 4.63
CA SER A 69 4.91 4.52 4.03
CA SER A 69 4.96 4.46 3.99
C SER A 69 4.35 5.02 2.71
C SER A 69 4.47 5.01 2.68
N ASN A 70 4.14 4.08 1.77
CA ASN A 70 3.65 4.39 0.45
C ASN A 70 2.18 4.02 0.28
N GLY A 71 1.54 4.69 -0.65
CA GLY A 71 0.31 4.27 -1.27
C GLY A 71 0.33 4.58 -2.76
N LEU A 72 -0.79 4.41 -3.43
CA LEU A 72 -0.90 4.56 -4.85
C LEU A 72 -2.07 5.46 -5.22
N ILE A 73 -1.95 6.17 -6.34
CA ILE A 73 -3.03 6.95 -6.94
C ILE A 73 -3.05 6.57 -8.40
N VAL A 74 -4.23 6.25 -8.93
CA VAL A 74 -4.36 5.81 -10.32
C VAL A 74 -5.47 6.63 -10.95
N ARG A 75 -5.14 7.30 -12.06
N ARG A 75 -5.15 7.28 -12.07
CA ARG A 75 -6.13 8.03 -12.83
CA ARG A 75 -6.16 8.03 -12.79
C ARG A 75 -7.17 7.06 -13.38
C ARG A 75 -7.17 7.12 -13.46
N ASP A 76 -8.42 7.47 -13.29
CA ASP A 76 -9.65 6.69 -13.62
C ASP A 76 -10.54 7.66 -14.41
N GLY A 77 -10.09 7.98 -15.63
CA GLY A 77 -10.77 9.01 -16.45
C GLY A 77 -10.59 10.43 -15.91
N ASP A 78 -11.66 11.08 -15.48
CA ASP A 78 -11.58 12.34 -14.78
C ASP A 78 -11.72 12.19 -13.28
N GLU A 79 -11.49 10.99 -12.75
CA GLU A 79 -11.51 10.74 -11.33
C GLU A 79 -10.22 10.02 -10.95
N LEU A 80 -10.01 9.85 -9.65
CA LEU A 80 -8.86 9.12 -9.13
C LEU A 80 -9.30 7.98 -8.25
N LEU A 81 -8.57 6.87 -8.35
CA LEU A 81 -8.63 5.73 -7.41
C LEU A 81 -7.44 5.84 -6.49
N LEU A 82 -7.70 5.79 -5.19
CA LEU A 82 -6.65 5.80 -4.17
C LEU A 82 -6.43 4.39 -3.64
N ILE A 83 -5.19 3.99 -3.49
CA ILE A 83 -4.83 2.74 -2.83
C ILE A 83 -4.09 3.11 -1.56
N ASP A 84 -4.72 2.79 -0.42
CA ASP A 84 -4.19 2.98 0.95
C ASP A 84 -4.20 4.42 1.40
N THR A 85 -4.46 4.58 2.70
CA THR A 85 -4.36 5.88 3.34
C THR A 85 -2.89 6.27 3.50
N ALA A 86 -2.69 7.48 4.05
CA ALA A 86 -1.36 7.99 4.33
C ALA A 86 -0.93 7.76 5.78
N TRP A 87 -1.52 6.78 6.46
CA TRP A 87 -1.11 6.40 7.83
C TRP A 87 -1.47 7.49 8.81
N GLY A 88 -2.74 7.65 9.04
CA GLY A 88 -3.28 8.56 10.05
C GLY A 88 -4.24 9.57 9.46
N ALA A 89 -5.05 10.11 10.34
CA ALA A 89 -6.07 11.08 9.94
C ALA A 89 -5.47 12.38 9.40
N LYS A 90 -4.55 12.98 10.13
N LYS A 90 -4.53 12.96 10.12
CA LYS A 90 -3.95 14.22 9.66
CA LYS A 90 -4.00 14.22 9.64
C LYS A 90 -3.19 13.98 8.36
C LYS A 90 -3.13 14.04 8.40
N ASN A 91 -2.39 12.92 8.31
CA ASN A 91 -1.67 12.64 7.08
C ASN A 91 -2.61 12.46 5.91
N THR A 92 -3.74 11.81 6.12
CA THR A 92 -4.64 11.54 5.03
C THR A 92 -5.36 12.82 4.58
N ALA A 93 -5.68 13.73 5.50
CA ALA A 93 -6.14 15.04 5.10
C ALA A 93 -5.12 15.76 4.25
N ALA A 94 -3.87 15.68 4.66
CA ALA A 94 -2.79 16.30 3.92
C ALA A 94 -2.62 15.67 2.53
N LEU A 95 -2.84 14.35 2.43
CA LEU A 95 -2.83 13.65 1.16
C LEU A 95 -3.88 14.24 0.22
N LEU A 96 -5.11 14.36 0.70
CA LEU A 96 -6.16 14.91 -0.15
C LEU A 96 -5.81 16.33 -0.63
N ALA A 97 -5.21 17.13 0.25
CA ALA A 97 -4.82 18.48 -0.15
C ALA A 97 -3.72 18.43 -1.19
N GLU A 98 -2.75 17.55 -1.02
CA GLU A 98 -1.67 17.44 -1.99
C GLU A 98 -2.17 16.98 -3.36
N ILE A 99 -3.11 16.05 -3.36
CA ILE A 99 -3.72 15.61 -4.60
C ILE A 99 -4.42 16.77 -5.30
N GLU A 100 -5.17 17.56 -4.54
CA GLU A 100 -5.87 18.69 -5.12
C GLU A 100 -4.88 19.67 -5.75
N LYS A 101 -3.78 19.93 -5.07
CA LYS A 101 -2.78 20.85 -5.55
C LYS A 101 -2.07 20.32 -6.80
N GLN A 102 -1.65 19.06 -6.79
CA GLN A 102 -0.77 18.52 -7.81
C GLN A 102 -1.49 17.91 -8.99
N ILE A 103 -2.70 17.40 -8.77
CA ILE A 103 -3.43 16.65 -9.79
C ILE A 103 -4.76 17.32 -10.12
N GLY A 104 -5.53 17.69 -9.11
CA GLY A 104 -6.75 18.47 -9.31
C GLY A 104 -7.93 17.68 -9.81
N LEU A 105 -7.94 16.36 -9.64
CA LEU A 105 -9.06 15.51 -9.95
C LEU A 105 -9.58 14.93 -8.66
N PRO A 106 -10.86 14.61 -8.58
CA PRO A 106 -11.43 14.14 -7.31
C PRO A 106 -11.09 12.67 -7.07
N VAL A 107 -10.76 12.36 -5.82
CA VAL A 107 -10.66 10.97 -5.38
C VAL A 107 -12.06 10.47 -5.11
N THR A 108 -12.50 9.44 -5.86
CA THR A 108 -13.85 8.94 -5.69
C THR A 108 -13.94 7.62 -4.94
N ARG A 109 -12.88 6.80 -4.99
CA ARG A 109 -12.89 5.49 -4.39
C ARG A 109 -11.51 5.27 -3.81
N ALA A 110 -11.47 4.45 -2.75
CA ALA A 110 -10.20 4.03 -2.13
C ALA A 110 -10.30 2.56 -1.77
N VAL A 111 -9.19 1.85 -1.94
CA VAL A 111 -9.04 0.48 -1.52
C VAL A 111 -7.92 0.42 -0.50
N SER A 112 -8.16 -0.27 0.61
CA SER A 112 -7.13 -0.53 1.59
C SER A 112 -6.65 -1.97 1.43
N THR A 113 -5.34 -2.17 1.39
CA THR A 113 -4.77 -3.45 1.01
C THR A 113 -4.48 -4.38 2.19
N HIS A 114 -4.59 -3.92 3.43
CA HIS A 114 -4.71 -4.79 4.61
C HIS A 114 -5.18 -3.92 5.76
N PHE A 115 -5.27 -4.52 6.95
CA PHE A 115 -6.00 -3.91 8.05
C PHE A 115 -5.20 -2.99 8.96
N HIS A 116 -3.88 -2.88 8.76
CA HIS A 116 -3.05 -2.07 9.65
C HIS A 116 -3.28 -0.58 9.40
N ASP A 117 -2.87 0.23 10.39
CA ASP A 117 -3.14 1.66 10.37
C ASP A 117 -2.45 2.40 9.25
N ASP A 118 -1.36 1.87 8.71
CA ASP A 118 -0.71 2.47 7.54
C ASP A 118 -1.55 2.26 6.24
N ARG A 119 -2.63 1.50 6.32
CA ARG A 119 -3.48 1.21 5.19
C ARG A 119 -4.90 1.74 5.38
N VAL A 120 -5.42 1.69 6.61
CA VAL A 120 -6.79 2.11 6.90
C VAL A 120 -6.85 3.34 7.80
N GLY A 121 -5.75 3.78 8.42
CA GLY A 121 -5.84 4.94 9.31
C GLY A 121 -5.96 6.17 8.47
N GLY A 122 -7.11 6.83 8.57
CA GLY A 122 -7.49 7.86 7.61
C GLY A 122 -8.73 7.55 6.84
N VAL A 123 -9.24 6.32 6.93
CA VAL A 123 -10.49 5.98 6.22
C VAL A 123 -11.64 6.86 6.67
N ASP A 124 -11.71 7.22 7.94
CA ASP A 124 -12.80 8.11 8.36
C ASP A 124 -12.71 9.49 7.71
N VAL A 125 -11.49 10.03 7.57
CA VAL A 125 -11.25 11.27 6.81
C VAL A 125 -11.74 11.10 5.38
N LEU A 126 -11.36 9.99 4.74
CA LEU A 126 -11.79 9.76 3.37
C LEU A 126 -13.29 9.73 3.25
N ARG A 127 -13.93 8.96 4.11
N ARG A 127 -13.93 9.03 4.17
CA ARG A 127 -15.38 8.85 4.02
CA ARG A 127 -15.37 8.84 4.14
C ARG A 127 -16.03 10.24 4.16
C ARG A 127 -16.12 10.14 4.38
N ALA A 128 -15.55 11.09 5.09
CA ALA A 128 -16.11 12.44 5.27
C ALA A 128 -15.77 13.39 4.12
N ALA A 129 -14.87 13.04 3.25
CA ALA A 129 -14.54 13.80 2.06
C ALA A 129 -15.18 13.20 0.81
N GLY A 130 -16.17 12.34 0.96
CA GLY A 130 -16.90 11.86 -0.19
C GLY A 130 -16.29 10.65 -0.88
N VAL A 131 -15.27 10.05 -0.33
CA VAL A 131 -14.63 8.94 -0.95
C VAL A 131 -15.33 7.66 -0.48
N ALA A 132 -15.66 6.80 -1.43
CA ALA A 132 -16.17 5.47 -1.10
C ALA A 132 -14.99 4.56 -0.80
N THR A 133 -15.00 3.93 0.38
CA THR A 133 -13.88 3.14 0.89
C THR A 133 -14.21 1.65 0.84
N TYR A 134 -13.23 0.88 0.37
CA TYR A 134 -13.38 -0.52 0.10
C TYR A 134 -12.24 -1.33 0.72
N ALA A 135 -12.50 -2.59 1.09
CA ALA A 135 -11.49 -3.56 1.47
C ALA A 135 -12.13 -4.94 1.41
N SER A 136 -11.29 -5.98 1.43
CA SER A 136 -11.85 -7.32 1.48
C SER A 136 -12.62 -7.52 2.78
N PRO A 137 -13.50 -8.52 2.83
CA PRO A 137 -14.17 -8.83 4.09
C PRO A 137 -13.18 -9.24 5.17
N SER A 138 -12.11 -9.91 4.80
N SER A 138 -12.13 -9.96 4.81
CA SER A 138 -11.08 -10.30 5.75
CA SER A 138 -11.12 -10.29 5.80
C SER A 138 -10.41 -9.09 6.38
C SER A 138 -10.52 -9.03 6.42
N THR A 139 -10.08 -8.10 5.58
CA THR A 139 -9.53 -6.85 6.09
C THR A 139 -10.51 -6.13 6.99
N ARG A 140 -11.77 -6.04 6.57
CA ARG A 140 -12.76 -5.38 7.41
C ARG A 140 -12.92 -6.03 8.76
N ARG A 141 -12.92 -7.37 8.81
N ARG A 141 -12.99 -7.37 8.81
CA ARG A 141 -13.09 -8.09 10.07
CA ARG A 141 -13.09 -8.05 10.11
C ARG A 141 -11.89 -7.90 10.98
C ARG A 141 -11.87 -7.74 10.97
N LEU A 142 -10.69 -7.85 10.40
CA LEU A 142 -9.46 -7.67 11.17
C LEU A 142 -9.32 -6.26 11.67
N ALA A 143 -9.69 -5.29 10.84
CA ALA A 143 -9.66 -3.90 11.25
C ALA A 143 -10.61 -3.68 12.42
N GLU A 144 -11.84 -4.21 12.31
CA GLU A 144 -12.82 -4.05 13.38
C GLU A 144 -12.29 -4.68 14.67
N ALA A 145 -11.73 -5.87 14.59
CA ALA A 145 -11.26 -6.55 15.79
C ALA A 145 -10.12 -5.80 16.44
N GLU A 146 -9.27 -5.16 15.65
CA GLU A 146 -8.09 -4.45 16.12
CA GLU A 146 -8.10 -4.47 16.16
C GLU A 146 -8.42 -3.07 16.67
N GLY A 147 -9.60 -2.54 16.36
CA GLY A 147 -9.92 -1.17 16.70
C GLY A 147 -9.39 -0.16 15.72
N ASN A 148 -9.15 -0.57 14.49
CA ASN A 148 -8.73 0.35 13.45
C ASN A 148 -9.95 0.81 12.66
N GLU A 149 -9.78 1.84 11.85
CA GLU A 149 -10.88 2.36 11.01
C GLU A 149 -11.25 1.30 9.97
N ILE A 150 -12.53 1.31 9.63
CA ILE A 150 -13.12 0.21 8.87
C ILE A 150 -13.64 0.72 7.53
N PRO A 151 -13.08 0.32 6.40
CA PRO A 151 -13.67 0.67 5.09
C PRO A 151 -15.12 0.26 5.01
N THR A 152 -15.89 1.02 4.25
CA THR A 152 -17.34 0.81 4.17
C THR A 152 -17.77 -0.45 3.42
N HIS A 153 -17.15 -0.69 2.29
CA HIS A 153 -17.64 -1.65 1.31
C HIS A 153 -16.72 -2.86 1.24
N SER A 154 -17.29 -4.04 1.11
CA SER A 154 -16.57 -5.30 1.04
C SER A 154 -16.26 -5.65 -0.40
N LEU A 155 -15.04 -6.12 -0.62
CA LEU A 155 -14.59 -6.62 -1.91
C LEU A 155 -14.63 -8.13 -1.94
N GLU A 156 -15.65 -8.68 -2.57
CA GLU A 156 -15.81 -10.13 -2.71
C GLU A 156 -14.90 -10.62 -3.85
N GLY A 157 -14.77 -11.93 -3.95
CA GLY A 157 -14.00 -12.50 -5.02
C GLY A 157 -12.53 -12.58 -4.83
N LEU A 158 -12.04 -12.38 -3.60
CA LEU A 158 -10.64 -12.32 -3.26
C LEU A 158 -10.25 -13.27 -2.12
N SER A 159 -11.13 -14.22 -1.77
CA SER A 159 -10.88 -14.98 -0.55
C SER A 159 -9.94 -16.15 -0.72
N SER A 160 -9.62 -16.56 -1.93
N SER A 160 -9.66 -16.57 -1.97
CA SER A 160 -8.69 -17.67 -2.12
CA SER A 160 -8.84 -17.72 -2.30
C SER A 160 -7.42 -17.20 -2.80
C SER A 160 -7.52 -17.25 -2.89
N SER A 161 -6.26 -17.69 -2.35
N SER A 161 -6.41 -17.87 -2.48
CA SER A 161 -5.01 -17.29 -2.98
CA SER A 161 -5.10 -17.50 -3.01
C SER A 161 -5.05 -17.54 -4.48
C SER A 161 -5.11 -17.59 -4.54
N GLY A 162 -4.56 -16.58 -5.22
CA GLY A 162 -4.60 -16.54 -6.67
C GLY A 162 -5.80 -15.83 -7.25
N ASP A 163 -6.77 -15.43 -6.42
CA ASP A 163 -7.93 -14.70 -6.91
C ASP A 163 -7.54 -13.32 -7.38
N ALA A 164 -8.25 -12.86 -8.40
CA ALA A 164 -8.07 -11.54 -8.94
C ALA A 164 -9.41 -10.97 -9.36
N VAL A 165 -9.58 -9.67 -9.16
CA VAL A 165 -10.79 -8.95 -9.58
C VAL A 165 -10.39 -7.62 -10.16
N ARG A 166 -11.19 -7.08 -11.07
CA ARG A 166 -10.99 -5.75 -11.57
C ARG A 166 -11.67 -4.73 -10.68
N PHE A 167 -11.00 -3.55 -10.56
CA PHE A 167 -11.54 -2.45 -9.77
C PHE A 167 -11.08 -1.18 -10.47
N GLY A 168 -11.96 -0.57 -11.27
CA GLY A 168 -11.57 0.57 -12.05
C GLY A 168 -10.38 0.24 -12.92
N PRO A 169 -9.35 1.08 -12.91
CA PRO A 169 -8.18 0.90 -13.75
C PRO A 169 -7.15 -0.06 -13.20
N VAL A 170 -7.45 -0.81 -12.14
CA VAL A 170 -6.50 -1.76 -11.59
C VAL A 170 -7.09 -3.14 -11.51
N GLU A 171 -6.20 -4.11 -11.29
CA GLU A 171 -6.51 -5.47 -10.85
C GLU A 171 -6.08 -5.64 -9.43
N LEU A 172 -6.95 -6.19 -8.61
CA LEU A 172 -6.64 -6.55 -7.24
C LEU A 172 -6.36 -8.05 -7.22
N PHE A 173 -5.35 -8.46 -6.47
CA PHE A 173 -4.88 -9.84 -6.44
C PHE A 173 -4.62 -10.25 -5.00
N TYR A 174 -5.12 -11.41 -4.60
CA TYR A 174 -4.84 -11.92 -3.28
C TYR A 174 -3.79 -13.02 -3.43
N PRO A 175 -2.55 -12.80 -2.97
CA PRO A 175 -1.49 -13.79 -3.23
C PRO A 175 -1.42 -14.89 -2.20
N GLY A 176 -2.17 -14.81 -1.12
CA GLY A 176 -1.99 -15.64 0.06
C GLY A 176 -1.38 -14.85 1.20
N ALA A 177 -1.32 -15.50 2.35
CA ALA A 177 -0.78 -14.87 3.54
C ALA A 177 0.68 -14.53 3.37
N ALA A 178 1.07 -13.38 3.88
CA ALA A 178 2.45 -12.88 3.77
C ALA A 178 2.73 -11.98 4.96
N HIS A 179 2.82 -10.67 4.71
CA HIS A 179 2.93 -9.70 5.79
C HIS A 179 1.74 -9.79 6.72
N SER A 180 0.57 -10.06 6.17
CA SER A 180 -0.64 -10.31 6.94
C SER A 180 -1.44 -11.34 6.18
N THR A 181 -2.51 -11.87 6.83
N THR A 181 -2.48 -11.85 6.87
CA THR A 181 -3.29 -12.89 6.16
CA THR A 181 -3.30 -12.88 6.26
C THR A 181 -4.21 -12.33 5.10
C THR A 181 -4.12 -12.32 5.10
N ASP A 182 -4.48 -11.05 5.17
CA ASP A 182 -5.40 -10.38 4.28
C ASP A 182 -4.73 -9.56 3.19
N ASN A 183 -3.41 -9.47 3.12
CA ASN A 183 -2.78 -8.53 2.21
C ASN A 183 -3.16 -8.75 0.76
N LEU A 184 -3.48 -7.65 0.09
CA LEU A 184 -3.76 -7.61 -1.34
C LEU A 184 -2.63 -6.90 -2.07
N VAL A 185 -2.52 -7.23 -3.35
N VAL A 185 -2.37 -7.29 -3.31
CA VAL A 185 -1.59 -6.67 -4.32
CA VAL A 185 -1.51 -6.50 -4.19
C VAL A 185 -2.40 -5.96 -5.42
C VAL A 185 -2.37 -5.92 -5.32
N VAL A 186 -1.85 -4.89 -5.98
CA VAL A 186 -2.57 -4.12 -6.99
C VAL A 186 -1.71 -4.03 -8.23
N TYR A 187 -2.27 -4.30 -9.39
CA TYR A 187 -1.56 -4.18 -10.67
C TYR A 187 -2.27 -3.15 -11.52
N VAL A 188 -1.49 -2.28 -12.17
CA VAL A 188 -2.01 -1.27 -13.09
C VAL A 188 -1.66 -1.75 -14.48
N PRO A 189 -2.57 -2.41 -15.23
CA PRO A 189 -2.14 -3.04 -16.49
C PRO A 189 -1.69 -2.03 -17.51
N SER A 190 -2.25 -0.82 -17.54
CA SER A 190 -1.84 0.17 -18.56
C SER A 190 -0.41 0.54 -18.49
N ALA A 191 0.18 0.43 -17.31
CA ALA A 191 1.55 0.87 -17.05
C ALA A 191 2.46 -0.24 -16.58
N ASN A 192 1.98 -1.46 -16.41
CA ASN A 192 2.77 -2.54 -15.85
C ASN A 192 3.38 -2.20 -14.51
N VAL A 193 2.60 -1.54 -13.69
CA VAL A 193 3.01 -1.18 -12.35
C VAL A 193 2.42 -2.16 -11.34
N LEU A 194 3.27 -2.79 -10.56
CA LEU A 194 2.89 -3.71 -9.51
C LEU A 194 3.09 -3.03 -8.15
N TYR A 195 2.00 -2.78 -7.46
CA TYR A 195 2.01 -2.24 -6.12
C TYR A 195 1.88 -3.42 -5.17
N GLY A 196 2.99 -3.78 -4.56
CA GLY A 196 3.00 -4.95 -3.69
C GLY A 196 2.45 -4.73 -2.33
N GLY A 197 2.33 -3.48 -1.91
CA GLY A 197 1.94 -3.22 -0.52
C GLY A 197 2.96 -3.86 0.41
N CYS A 198 2.53 -4.14 1.64
CA CYS A 198 3.46 -4.55 2.67
C CYS A 198 3.95 -5.99 2.55
N ALA A 199 3.37 -6.76 1.61
CA ALA A 199 3.93 -8.06 1.23
C ALA A 199 5.23 -7.98 0.49
N VAL A 200 5.62 -6.79 0.02
CA VAL A 200 6.84 -6.58 -0.75
C VAL A 200 7.69 -5.54 -0.04
N HIS A 201 8.97 -5.85 0.16
CA HIS A 201 9.95 -4.96 0.75
C HIS A 201 10.89 -4.36 -0.25
N GLU A 202 11.44 -3.21 0.14
CA GLU A 202 12.40 -2.51 -0.70
C GLU A 202 13.74 -3.26 -0.71
N LEU A 203 14.53 -2.95 -1.70
CA LEU A 203 15.84 -3.66 -1.86
C LEU A 203 16.79 -3.42 -0.71
N SER A 204 16.74 -2.26 -0.06
CA SER A 204 17.67 -2.03 1.06
C SER A 204 17.28 -2.74 2.34
N SER A 205 16.12 -3.42 2.35
N SER A 205 16.12 -3.36 2.39
CA SER A 205 15.59 -4.11 3.52
CA SER A 205 15.69 -3.92 3.64
C SER A 205 16.56 -5.15 4.06
C SER A 205 16.58 -5.06 4.08
N THR A 206 16.70 -5.18 5.40
CA THR A 206 17.57 -6.12 6.08
C THR A 206 16.79 -7.04 6.97
N SER A 207 15.53 -6.71 7.19
N SER A 207 15.50 -6.82 7.07
CA SER A 207 14.64 -7.54 7.97
CA SER A 207 14.65 -7.62 7.89
C SER A 207 13.31 -7.50 7.24
C SER A 207 13.30 -7.51 7.24
N ALA A 208 12.38 -8.31 7.71
CA ALA A 208 11.07 -8.35 7.13
C ALA A 208 10.10 -7.34 7.75
N GLY A 209 10.60 -6.20 8.29
CA GLY A 209 9.68 -5.16 8.74
C GLY A 209 8.89 -5.58 9.98
N ASN A 210 7.67 -5.10 10.09
CA ASN A 210 6.83 -5.42 11.24
C ASN A 210 6.09 -6.70 10.95
N VAL A 211 6.54 -7.78 11.59
CA VAL A 211 6.04 -9.11 11.32
C VAL A 211 5.00 -9.55 12.32
N ALA A 212 4.44 -8.62 13.10
CA ALA A 212 3.56 -9.04 14.20
C ALA A 212 2.44 -9.94 13.72
N ASP A 213 1.88 -9.65 12.54
CA ASP A 213 0.72 -10.37 12.04
C ASP A 213 1.06 -11.21 10.81
N ALA A 214 2.33 -11.46 10.57
CA ALA A 214 2.79 -12.13 9.37
C ALA A 214 2.73 -13.64 9.47
N ASP A 215 2.84 -14.30 8.33
CA ASP A 215 3.05 -15.75 8.22
C ASP A 215 4.36 -15.95 7.46
N LEU A 216 5.50 -16.04 8.18
CA LEU A 216 6.80 -16.09 7.52
C LEU A 216 6.94 -17.37 6.73
N ALA A 217 6.29 -18.44 7.17
CA ALA A 217 6.37 -19.71 6.45
C ALA A 217 5.65 -19.65 5.11
N GLU A 218 4.50 -18.99 5.02
CA GLU A 218 3.75 -18.93 3.77
C GLU A 218 4.20 -17.80 2.84
N TRP A 219 4.84 -16.79 3.40
CA TRP A 219 5.20 -15.59 2.65
C TRP A 219 5.95 -15.90 1.38
N PRO A 220 7.00 -16.75 1.37
CA PRO A 220 7.69 -16.99 0.09
C PRO A 220 6.76 -17.58 -0.97
N THR A 221 5.87 -18.49 -0.58
CA THR A 221 4.91 -19.08 -1.51
C THR A 221 4.00 -18.01 -2.09
N SER A 222 3.55 -17.08 -1.25
CA SER A 222 2.75 -15.97 -1.73
C SER A 222 3.49 -15.07 -2.69
N VAL A 223 4.75 -14.78 -2.40
CA VAL A 223 5.56 -14.01 -3.34
C VAL A 223 5.75 -14.73 -4.65
N GLU A 224 5.97 -16.04 -4.62
N GLU A 224 5.97 -16.04 -4.62
CA GLU A 224 6.08 -16.80 -5.85
CA GLU A 224 6.07 -16.82 -5.84
C GLU A 224 4.79 -16.68 -6.68
C GLU A 224 4.79 -16.71 -6.67
N ARG A 225 3.63 -16.63 -6.02
CA ARG A 225 2.38 -16.47 -6.77
C ARG A 225 2.35 -15.13 -7.46
N ILE A 226 2.82 -14.08 -6.78
CA ILE A 226 2.91 -12.75 -7.40
C ILE A 226 3.82 -12.81 -8.62
N GLN A 227 5.01 -13.39 -8.47
CA GLN A 227 5.96 -13.46 -9.58
C GLN A 227 5.37 -14.18 -10.77
N LYS A 228 4.63 -15.25 -10.53
CA LYS A 228 4.04 -16.00 -11.60
C LYS A 228 2.91 -15.27 -12.27
N HIS A 229 2.17 -14.49 -11.49
N HIS A 229 2.14 -14.50 -11.51
CA HIS A 229 1.00 -13.82 -12.05
CA HIS A 229 0.97 -13.85 -12.08
C HIS A 229 1.36 -12.57 -12.84
C HIS A 229 1.30 -12.52 -12.78
N TYR A 230 2.41 -11.86 -12.42
CA TYR A 230 2.76 -10.56 -12.97
C TYR A 230 4.19 -10.52 -13.51
N PRO A 231 4.51 -11.39 -14.48
CA PRO A 231 5.89 -11.45 -14.98
C PRO A 231 6.31 -10.28 -15.82
N GLU A 232 5.38 -9.45 -16.25
CA GLU A 232 5.70 -8.31 -17.08
C GLU A 232 5.73 -7.02 -16.29
N ALA A 233 5.68 -7.09 -14.97
CA ALA A 233 5.75 -5.87 -14.17
C ALA A 233 7.06 -5.15 -14.48
N GLU A 234 6.96 -3.85 -14.66
CA GLU A 234 8.12 -3.00 -14.89
C GLU A 234 8.57 -2.21 -13.69
N VAL A 235 7.65 -1.76 -12.88
CA VAL A 235 7.90 -1.08 -11.62
C VAL A 235 7.20 -1.87 -10.55
N VAL A 236 7.90 -2.09 -9.44
CA VAL A 236 7.38 -2.74 -8.24
C VAL A 236 7.51 -1.76 -7.09
N ILE A 237 6.39 -1.49 -6.43
CA ILE A 237 6.35 -0.53 -5.32
C ILE A 237 6.11 -1.27 -4.03
N PRO A 238 6.98 -1.13 -3.03
CA PRO A 238 6.77 -1.79 -1.74
C PRO A 238 5.83 -0.94 -0.88
N GLY A 239 5.34 -1.54 0.20
CA GLY A 239 4.52 -0.79 1.15
C GLY A 239 5.27 0.30 1.87
N HIS A 240 6.57 0.14 2.04
CA HIS A 240 7.43 1.10 2.68
C HIS A 240 8.74 1.12 1.90
N GLY A 241 9.23 2.29 1.54
CA GLY A 241 10.54 2.42 0.91
C GLY A 241 10.50 2.59 -0.60
N LEU A 242 11.64 2.38 -1.23
N LEU A 242 11.63 2.41 -1.22
CA LEU A 242 11.87 2.80 -2.62
CA LEU A 242 11.80 2.81 -2.61
C LEU A 242 11.34 1.79 -3.63
C LEU A 242 11.22 1.78 -3.58
N PRO A 243 10.59 2.24 -4.65
CA PRO A 243 10.26 1.36 -5.78
C PRO A 243 11.51 0.89 -6.49
N GLY A 244 11.34 -0.23 -7.20
CA GLY A 244 12.37 -0.73 -8.10
C GLY A 244 11.72 -1.60 -9.14
N GLY A 245 12.41 -2.65 -9.55
CA GLY A 245 11.92 -3.59 -10.52
C GLY A 245 11.50 -4.91 -9.88
N LEU A 246 11.39 -5.94 -10.73
CA LEU A 246 10.98 -7.24 -10.27
C LEU A 246 11.88 -7.84 -9.19
N ASP A 247 13.14 -7.41 -9.09
CA ASP A 247 14.02 -7.92 -8.05
C ASP A 247 13.47 -7.73 -6.65
N LEU A 248 12.62 -6.74 -6.43
CA LEU A 248 12.07 -6.58 -5.10
C LEU A 248 11.36 -7.86 -4.66
N LEU A 249 10.74 -8.59 -5.58
CA LEU A 249 10.04 -9.79 -5.17
C LEU A 249 10.98 -10.87 -4.66
N GLN A 250 12.03 -11.18 -5.40
CA GLN A 250 12.98 -12.17 -4.92
C GLN A 250 13.66 -11.70 -3.64
N HIS A 251 14.04 -10.42 -3.58
CA HIS A 251 14.66 -9.90 -2.37
C HIS A 251 13.77 -10.08 -1.17
N THR A 252 12.47 -9.83 -1.34
CA THR A 252 11.53 -10.02 -0.24
C THR A 252 11.54 -11.47 0.23
N ALA A 253 11.45 -12.41 -0.71
CA ALA A 253 11.52 -13.81 -0.34
C ALA A 253 12.78 -14.13 0.43
N ASN A 254 13.89 -13.58 0.00
CA ASN A 254 15.17 -13.80 0.66
C ASN A 254 15.19 -13.25 2.07
N VAL A 255 14.73 -12.03 2.28
CA VAL A 255 14.78 -11.46 3.61
C VAL A 255 13.79 -12.14 4.54
N VAL A 256 12.66 -12.61 4.06
CA VAL A 256 11.72 -13.29 4.89
C VAL A 256 12.26 -14.63 5.30
N LYS A 257 12.84 -15.40 4.37
CA LYS A 257 13.40 -16.73 4.70
C LYS A 257 14.48 -16.58 5.73
N ALA A 258 15.29 -15.53 5.65
CA ALA A 258 16.35 -15.39 6.64
C ALA A 258 15.83 -14.90 7.99
N HIS A 259 14.72 -14.17 7.98
CA HIS A 259 14.07 -13.75 9.22
C HIS A 259 13.49 -14.95 9.95
N LYS A 260 12.68 -15.75 9.25
CA LYS A 260 12.16 -17.02 9.79
C LYS A 260 13.28 -17.79 10.47
N ASN A 261 14.45 -17.85 9.85
CA ASN A 261 15.66 -18.37 10.50
C ASN A 261 16.23 -17.31 11.44
ZN ZN B . 0.95 -4.02 7.85
ZN ZN C . 3.17 -1.81 6.29
C10 XCQ D . 3.63 -0.77 11.31
C11 XCQ D . 4.56 -1.22 10.34
C01 XCQ D . 1.26 0.11 11.38
C02 XCQ D . 2.16 -1.10 11.18
C04 XCQ D . 2.10 -3.37 11.98
C06 XCQ D . 1.73 -4.35 13.09
C07 XCQ D . 0.97 -3.63 14.26
C08 XCQ D . 0.66 -4.57 15.41
C13 XCQ D . 5.55 -2.21 8.63
C14 XCQ D . 5.63 -3.15 7.50
C17 XCQ D . 6.59 -1.58 9.33
C18 XCQ D . 8.02 -1.53 8.97
C19 XCQ D . 8.38 -1.36 7.65
C20 XCQ D . 9.70 -1.31 7.30
C21 XCQ D . 10.71 -1.49 8.19
C22 XCQ D . 12.18 -1.52 7.76
C24 XCQ D . 14.30 -2.99 6.75
C27 XCQ D . 10.34 -1.66 9.52
C29 XCQ D . 8.99 -1.68 9.92
C30 XCQ D . 5.96 -0.92 10.42
C31 XCQ D . 6.45 -0.14 11.49
C32 XCQ D . 5.53 0.30 12.44
C33 XCQ D . 4.16 -0.03 12.37
N09 XCQ D . -0.12 -4.01 16.49
N12 XCQ D . 4.37 -1.98 9.23
O03 XCQ D . 1.79 -2.04 12.24
O05 XCQ D . 2.64 -3.72 10.96
O15 XCQ D . 4.66 -3.24 6.71
O16 XCQ D . 6.60 -3.98 7.49
O25 XCQ D . 11.93 -3.75 6.08
O26 XCQ D . 12.60 -4.13 8.48
S23 XCQ D . 12.75 -3.28 7.30
CL1 XCQ D . 11.52 -1.84 10.75
H013 XCQ D . 1.53 0.87 10.65
H012 XCQ D . 1.38 0.49 12.38
H011 XCQ D . 0.23 -0.18 11.21
H021 XCQ D . 1.99 -1.55 10.21
H061 XCQ D . 2.64 -4.79 13.47
H062 XCQ D . 1.10 -5.13 12.68
H072 XCQ D . 0.03 -3.23 13.87
H071 XCQ D . 1.58 -2.81 14.63
H082 XCQ D . 1.60 -4.92 15.82
H081 XCQ D . 0.11 -5.43 15.01
H191 XCQ D . 7.62 -1.25 6.89
H201 XCQ D . 9.96 -1.11 6.26
H221 XCQ D . 12.31 -0.87 6.89
H222 XCQ D . 12.80 -1.15 8.56
H242 XCQ D . 14.68 -3.88 6.26
H243 XCQ D . 14.95 -2.73 7.59
H241 XCQ D . 14.29 -2.15 6.04
H291 XCQ D . 8.72 -1.82 10.96
H311 XCQ D . 7.50 0.10 11.57
H321 XCQ D . 5.88 0.91 13.27
H331 XCQ D . 3.49 0.29 13.16
H092 XCQ D . -0.99 -4.52 16.57
H091 XCQ D . -0.32 -3.06 16.27
H121 XCQ D . 3.48 -2.30 8.90
#